data_8EK8
#
_entry.id   8EK8
#
_cell.length_a   44.058
_cell.length_b   61.064
_cell.length_c   154.255
_cell.angle_alpha   90.000
_cell.angle_beta   90.000
_cell.angle_gamma   90.000
#
_symmetry.space_group_name_H-M   'P 21 21 21'
#
loop_
_entity.id
_entity.type
_entity.pdbx_description
1 polymer "DNA (5'-D(*AP*TP*AP*AP*AP*AP*GP*GP*AP*GP*AP*AP*GP*GP*G)-3')"
2 polymer "DNA (5'-D(P*CP*CP*CP*TP*TP*CP*TP*CP*CP*TP*TP*TP*TP*AP*T)-3')"
3 polymer 'Transcription factor PU.1'
#
loop_
_entity_poly.entity_id
_entity_poly.type
_entity_poly.pdbx_seq_one_letter_code
_entity_poly.pdbx_strand_id
1 'polydeoxyribonucleotide' (DA)(DA)(DT)(DA)(DA)(DA)(DA)(DG)(DG)(DA)(DG)(DA)(DA)(DG)(DG)(DG) C,A
2 'polydeoxyribonucleotide' (DC)(DC)(DC)(DT)(DT)(DC)(DT)(DC)(DC)(DT)(DT)(DT)(DT)(DA)(DT) D,B
3 'polypeptide(L)'
;GSKKKIRLYQFLLDLLRSGDMKDSIWWVDKDKGTFQFSSKHKEALAHRWGIQKGNRKKMTYQKMARALRNYGKTGEVKKV
KKKLTYQFSGEVLGRGGLAERRHPPH
;
F,E
#
# COMPACT_ATOMS: atom_id res chain seq x y z
N LYS C 5 -1.39 -9.92 5.07
CA LYS C 5 -2.74 -9.90 5.62
C LYS C 5 -3.70 -10.70 4.75
N ILE C 6 -4.84 -11.09 5.33
CA ILE C 6 -5.84 -11.86 4.61
C ILE C 6 -6.68 -10.92 3.75
N ARG C 7 -7.18 -11.45 2.64
CA ARG C 7 -8.04 -10.71 1.73
C ARG C 7 -9.50 -11.02 2.01
N LEU C 8 -10.37 -10.05 1.69
CA LEU C 8 -11.78 -10.16 2.04
C LEU C 8 -12.39 -11.43 1.49
N TYR C 9 -12.18 -11.71 0.20
CA TYR C 9 -12.81 -12.87 -0.40
C TYR C 9 -12.36 -14.16 0.29
N GLN C 10 -11.14 -14.18 0.84
CA GLN C 10 -10.70 -15.36 1.58
C GLN C 10 -11.28 -15.40 2.98
N PHE C 11 -11.51 -14.24 3.60
CA PHE C 11 -12.17 -14.22 4.90
C PHE C 11 -13.56 -14.84 4.81
N LEU C 12 -14.32 -14.44 3.79
CA LEU C 12 -15.65 -15.01 3.59
C LEU C 12 -15.57 -16.50 3.27
N LEU C 13 -14.76 -16.86 2.27
CA LEU C 13 -14.64 -18.26 1.89
C LEU C 13 -14.21 -19.14 3.06
N ASP C 14 -13.34 -18.61 3.92
CA ASP C 14 -12.93 -19.37 5.10
C ASP C 14 -14.09 -19.61 6.05
N LEU C 15 -14.96 -18.60 6.21
CA LEU C 15 -16.10 -18.76 7.10
C LEU C 15 -17.06 -19.83 6.58
N LEU C 16 -17.31 -19.84 5.26
CA LEU C 16 -18.22 -20.81 4.69
C LEU C 16 -17.69 -22.23 4.84
N ARG C 17 -16.39 -22.42 4.64
CA ARG C 17 -15.82 -23.75 4.78
C ARG C 17 -15.73 -24.18 6.24
N SER C 18 -15.60 -23.21 7.15
CA SER C 18 -15.57 -23.50 8.58
C SER C 18 -16.94 -23.53 9.22
N GLY C 19 -17.93 -22.85 8.64
CA GLY C 19 -19.21 -22.73 9.28
C GLY C 19 -19.16 -21.99 10.59
N ASP C 20 -18.13 -21.16 10.80
CA ASP C 20 -17.95 -20.47 12.06
C ASP C 20 -19.03 -19.42 12.31
N MET C 21 -19.70 -18.94 11.26
CA MET C 21 -20.77 -17.96 11.38
C MET C 21 -21.92 -18.38 10.47
N LYS C 22 -22.47 -19.57 10.73
CA LYS C 22 -23.55 -20.10 9.91
C LYS C 22 -24.81 -19.24 9.99
N ASP C 23 -24.98 -18.48 11.07
CA ASP C 23 -26.15 -17.62 11.20
C ASP C 23 -26.01 -16.32 10.42
N SER C 24 -24.81 -15.99 9.94
CA SER C 24 -24.58 -14.75 9.22
C SER C 24 -24.35 -14.94 7.72
N ILE C 25 -23.87 -16.11 7.30
CA ILE C 25 -23.53 -16.35 5.90
C ILE C 25 -23.63 -17.83 5.63
N TRP C 26 -24.17 -18.19 4.46
CA TRP C 26 -24.38 -19.59 4.11
C TRP C 26 -24.29 -19.74 2.60
N TRP C 27 -23.97 -20.96 2.17
CA TRP C 27 -23.97 -21.26 0.75
C TRP C 27 -25.38 -21.24 0.19
N VAL C 28 -25.49 -20.93 -1.09
CA VAL C 28 -26.73 -21.04 -1.85
C VAL C 28 -26.66 -22.21 -2.82
N ASP C 29 -25.63 -22.24 -3.65
CA ASP C 29 -25.34 -23.38 -4.52
C ASP C 29 -23.83 -23.63 -4.43
N LYS C 30 -23.43 -24.54 -3.55
CA LYS C 30 -22.01 -24.80 -3.32
C LYS C 30 -21.27 -25.08 -4.62
N ASP C 31 -21.87 -25.87 -5.50
CA ASP C 31 -21.24 -26.20 -6.77
C ASP C 31 -20.92 -24.94 -7.57
N LYS C 32 -21.89 -24.03 -7.68
CA LYS C 32 -21.70 -22.78 -8.41
C LYS C 32 -20.95 -21.73 -7.59
N GLY C 33 -20.71 -21.99 -6.30
CA GLY C 33 -19.97 -21.05 -5.49
C GLY C 33 -20.74 -19.81 -5.10
N THR C 34 -22.07 -19.87 -5.11
CA THR C 34 -22.89 -18.74 -4.71
C THR C 34 -23.18 -18.81 -3.21
N PHE C 35 -23.25 -17.63 -2.58
CA PHE C 35 -23.50 -17.53 -1.16
C PHE C 35 -24.30 -16.28 -0.89
N GLN C 36 -24.85 -16.18 0.32
CA GLN C 36 -25.77 -15.12 0.68
C GLN C 36 -25.53 -14.71 2.12
N PHE C 37 -25.71 -13.42 2.40
CA PHE C 37 -25.60 -12.92 3.76
C PHE C 37 -26.97 -12.90 4.44
N SER C 38 -26.94 -12.93 5.77
CA SER C 38 -28.16 -12.81 6.57
C SER C 38 -28.49 -11.33 6.74
N SER C 39 -29.70 -10.94 6.35
CA SER C 39 -30.10 -9.54 6.45
C SER C 39 -30.00 -9.04 7.89
N LYS C 40 -30.31 -9.90 8.86
CA LYS C 40 -30.34 -9.50 10.26
C LYS C 40 -29.00 -9.68 10.96
N HIS C 41 -28.17 -10.60 10.50
CA HIS C 41 -26.93 -10.94 11.19
C HIS C 41 -25.68 -10.63 10.36
N LYS C 42 -25.82 -9.94 9.23
CA LYS C 42 -24.64 -9.63 8.43
C LYS C 42 -23.72 -8.64 9.14
N GLU C 43 -24.31 -7.69 9.88
CA GLU C 43 -23.50 -6.69 10.56
C GLU C 43 -22.50 -7.32 11.52
N ALA C 44 -22.88 -8.43 12.16
CA ALA C 44 -21.95 -9.12 13.05
C ALA C 44 -20.75 -9.66 12.28
N LEU C 45 -20.99 -10.24 11.10
CA LEU C 45 -19.87 -10.71 10.29
C LEU C 45 -19.03 -9.54 9.79
N ALA C 46 -19.67 -8.46 9.38
CA ALA C 46 -18.92 -7.26 8.99
C ALA C 46 -18.07 -6.76 10.16
N HIS C 47 -18.63 -6.77 11.37
CA HIS C 47 -17.86 -6.37 12.54
C HIS C 47 -16.61 -7.21 12.69
N ARG C 48 -16.75 -8.54 12.56
CA ARG C 48 -15.59 -9.42 12.68
CA ARG C 48 -15.59 -9.42 12.68
C ARG C 48 -14.55 -9.13 11.60
N TRP C 49 -14.97 -8.61 10.45
CA TRP C 49 -14.03 -8.35 9.37
C TRP C 49 -13.14 -7.14 9.70
N GLY C 50 -13.75 -6.02 10.10
CA GLY C 50 -12.97 -4.85 10.45
C GLY C 50 -11.98 -5.13 11.57
N ILE C 51 -12.38 -5.95 12.55
CA ILE C 51 -11.50 -6.26 13.66
C ILE C 51 -10.29 -7.06 13.18
N GLN C 52 -10.53 -8.11 12.39
CA GLN C 52 -9.43 -8.92 11.90
C GLN C 52 -8.42 -8.08 11.13
N LYS C 53 -8.87 -6.99 10.50
CA LYS C 53 -7.99 -6.06 9.81
C LYS C 53 -7.42 -4.98 10.72
N GLY C 54 -7.94 -4.82 11.93
CA GLY C 54 -7.48 -3.77 12.81
C GLY C 54 -7.76 -2.37 12.31
N ASN C 55 -8.89 -2.18 11.63
CA ASN C 55 -9.23 -0.88 11.06
C ASN C 55 -9.50 0.15 12.15
N ARG C 56 -9.51 1.43 11.73
CA ARG C 56 -9.78 2.52 12.65
C ARG C 56 -11.23 2.48 13.15
N LYS C 57 -12.18 2.44 12.22
CA LYS C 57 -13.59 2.44 12.55
C LYS C 57 -14.16 1.03 12.49
N LYS C 58 -15.25 0.82 13.23
CA LYS C 58 -15.90 -0.48 13.22
C LYS C 58 -16.49 -0.73 11.83
N MET C 59 -16.26 -1.93 11.31
CA MET C 59 -16.67 -2.25 9.96
C MET C 59 -18.18 -2.47 9.88
N THR C 60 -18.78 -1.96 8.81
CA THR C 60 -20.20 -2.11 8.53
C THR C 60 -20.38 -2.88 7.24
N TYR C 61 -21.61 -3.38 7.02
CA TYR C 61 -21.88 -4.12 5.79
C TYR C 61 -21.72 -3.22 4.56
N GLN C 62 -22.16 -1.97 4.66
CA GLN C 62 -22.07 -1.07 3.52
C GLN C 62 -20.62 -0.92 3.07
N LYS C 63 -19.71 -0.68 4.01
CA LYS C 63 -18.30 -0.56 3.66
C LYS C 63 -17.76 -1.87 3.11
N MET C 64 -18.17 -3.00 3.69
CA MET C 64 -17.74 -4.29 3.17
C MET C 64 -18.32 -4.55 1.79
N ALA C 65 -19.57 -4.15 1.56
CA ALA C 65 -20.16 -4.32 0.24
C ALA C 65 -19.43 -3.47 -0.79
N ARG C 66 -19.09 -2.23 -0.42
CA ARG C 66 -18.29 -1.38 -1.30
C ARG C 66 -17.00 -2.08 -1.70
N ALA C 67 -16.31 -2.66 -0.72
CA ALA C 67 -15.10 -3.42 -1.02
C ALA C 67 -15.39 -4.58 -1.96
N LEU C 68 -16.50 -5.30 -1.72
CA LEU C 68 -16.83 -6.44 -2.57
C LEU C 68 -17.09 -6.01 -4.01
N ARG C 69 -17.72 -4.84 -4.20
CA ARG C 69 -18.00 -4.39 -5.56
C ARG C 69 -16.72 -4.20 -6.37
N ASN C 70 -15.61 -3.89 -5.70
CA ASN C 70 -14.35 -3.75 -6.42
C ASN C 70 -13.91 -5.07 -7.03
N TYR C 71 -14.33 -6.20 -6.44
CA TYR C 71 -14.00 -7.49 -7.04
C TYR C 71 -14.73 -7.71 -8.36
N GLY C 72 -15.70 -6.86 -8.69
CA GLY C 72 -16.39 -6.97 -9.97
C GLY C 72 -15.48 -6.73 -11.16
N LYS C 73 -14.38 -5.99 -10.97
CA LYS C 73 -13.48 -5.69 -12.07
C LYS C 73 -12.42 -6.77 -12.25
N THR C 74 -11.92 -7.34 -11.15
CA THR C 74 -10.92 -8.40 -11.22
C THR C 74 -11.52 -9.80 -11.25
N GLY C 75 -12.75 -9.97 -10.77
CA GLY C 75 -13.49 -11.20 -10.95
C GLY C 75 -13.55 -12.14 -9.78
N GLU C 76 -12.87 -11.83 -8.67
CA GLU C 76 -12.90 -12.75 -7.53
C GLU C 76 -14.33 -12.98 -7.05
N VAL C 77 -15.15 -11.92 -7.02
CA VAL C 77 -16.50 -12.02 -6.49
C VAL C 77 -17.43 -11.10 -7.27
N LYS C 78 -18.47 -11.67 -7.88
CA LYS C 78 -19.44 -10.91 -8.63
C LYS C 78 -20.79 -10.92 -7.92
N LYS C 79 -21.51 -9.80 -8.04
CA LYS C 79 -22.81 -9.67 -7.43
C LYS C 79 -23.84 -10.46 -8.25
N VAL C 80 -24.73 -11.15 -7.55
CA VAL C 80 -25.78 -11.93 -8.17
C VAL C 80 -27.09 -11.18 -8.06
N LYS C 81 -28.01 -11.44 -8.99
CA LYS C 81 -29.31 -10.78 -9.01
C LYS C 81 -30.28 -11.33 -7.96
N LYS C 82 -29.78 -11.65 -6.76
CA LYS C 82 -30.62 -12.12 -5.67
C LYS C 82 -30.16 -11.42 -4.39
N LYS C 83 -31.11 -11.06 -3.53
CA LYS C 83 -30.82 -10.19 -2.40
C LYS C 83 -29.67 -10.73 -1.55
N LEU C 84 -28.68 -9.89 -1.32
CA LEU C 84 -27.55 -10.19 -0.44
C LEU C 84 -26.75 -11.39 -0.91
N THR C 85 -26.67 -11.59 -2.22
CA THR C 85 -26.07 -12.79 -2.80
C THR C 85 -24.89 -12.42 -3.67
N TYR C 86 -23.82 -13.21 -3.58
CA TYR C 86 -22.61 -13.02 -4.34
C TYR C 86 -22.15 -14.38 -4.86
N GLN C 87 -21.04 -14.39 -5.59
CA GLN C 87 -20.55 -15.64 -6.17
C GLN C 87 -19.04 -15.57 -6.33
N PHE C 88 -18.36 -16.61 -5.86
CA PHE C 88 -16.93 -16.74 -6.07
C PHE C 88 -16.64 -17.24 -7.48
N SER C 89 -15.42 -16.98 -7.94
CA SER C 89 -14.97 -17.49 -9.23
C SER C 89 -14.38 -18.88 -9.06
N GLY C 90 -14.39 -19.64 -10.16
CA GLY C 90 -13.80 -20.97 -10.12
C GLY C 90 -12.35 -20.95 -9.70
N GLU C 91 -11.61 -19.89 -10.05
CA GLU C 91 -10.22 -19.80 -9.66
C GLU C 91 -10.09 -19.70 -8.14
N VAL C 92 -10.91 -18.85 -7.52
CA VAL C 92 -10.86 -18.69 -6.07
C VAL C 92 -11.23 -20.01 -5.38
N LEU C 93 -12.18 -20.75 -5.96
CA LEU C 93 -12.58 -22.01 -5.36
C LEU C 93 -11.56 -23.11 -5.63
N GLY C 94 -10.82 -23.00 -6.73
CA GLY C 94 -9.82 -24.00 -7.09
C GLY C 94 -9.79 -24.29 -8.57
N LYS F 5 1.90 11.68 3.66
CA LYS F 5 3.32 11.70 4.00
C LYS F 5 4.15 12.22 2.82
N ILE F 6 5.36 12.67 3.12
CA ILE F 6 6.24 13.20 2.09
C ILE F 6 6.91 12.05 1.36
N ARG F 7 7.27 12.28 0.10
CA ARG F 7 7.96 11.29 -0.71
C ARG F 7 9.46 11.56 -0.72
N LEU F 8 10.24 10.48 -0.87
CA LEU F 8 11.69 10.59 -0.73
C LEU F 8 12.27 11.61 -1.70
N TYR F 9 11.92 11.49 -2.99
CA TYR F 9 12.52 12.38 -3.99
C TYR F 9 12.23 13.84 -3.68
N GLN F 10 11.10 14.13 -3.04
CA GLN F 10 10.80 15.50 -2.68
C GLN F 10 11.52 15.92 -1.40
N PHE F 11 11.74 14.99 -0.47
CA PHE F 11 12.52 15.31 0.72
C PHE F 11 13.93 15.74 0.35
N LEU F 12 14.58 15.02 -0.57
CA LEU F 12 15.91 15.41 -1.02
C LEU F 12 15.88 16.76 -1.71
N LEU F 13 14.97 16.92 -2.68
CA LEU F 13 14.89 18.18 -3.40
C LEU F 13 14.61 19.34 -2.45
N ASP F 14 13.82 19.09 -1.40
CA ASP F 14 13.55 20.14 -0.42
C ASP F 14 14.81 20.54 0.34
N LEU F 15 15.66 19.56 0.67
CA LEU F 15 16.89 19.88 1.38
C LEU F 15 17.81 20.74 0.54
N LEU F 16 17.94 20.40 -0.75
CA LEU F 16 18.83 21.16 -1.63
C LEU F 16 18.33 22.60 -1.80
N ARG F 17 17.02 22.78 -1.94
CA ARG F 17 16.48 24.12 -2.10
C ARG F 17 16.54 24.92 -0.81
N SER F 18 16.50 24.24 0.34
CA SER F 18 16.63 24.90 1.63
C SER F 18 18.08 25.04 2.07
N GLY F 19 18.97 24.18 1.56
CA GLY F 19 20.34 24.17 2.02
C GLY F 19 20.50 23.80 3.48
N ASP F 20 19.50 23.12 4.05
CA ASP F 20 19.54 22.79 5.47
C ASP F 20 20.63 21.79 5.81
N MET F 21 21.09 21.00 4.84
CA MET F 21 22.14 20.02 5.06
C MET F 21 23.14 20.05 3.90
N LYS F 22 23.77 21.21 3.70
CA LYS F 22 24.73 21.35 2.61
C LYS F 22 25.95 20.47 2.80
N ASP F 23 26.25 20.07 4.04
CA ASP F 23 27.41 19.21 4.29
C ASP F 23 27.14 17.75 3.96
N SER F 24 25.88 17.38 3.76
CA SER F 24 25.52 15.99 3.46
C SER F 24 25.07 15.79 2.02
N ILE F 25 24.56 16.83 1.35
CA ILE F 25 24.04 16.71 0.00
C ILE F 25 24.14 18.08 -0.67
N TRP F 26 24.54 18.08 -1.94
CA TRP F 26 24.76 19.32 -2.67
C TRP F 26 24.47 19.12 -4.15
N TRP F 27 24.16 20.21 -4.83
CA TRP F 27 23.98 20.19 -6.27
C TRP F 27 25.29 19.93 -6.98
N VAL F 28 25.20 19.32 -8.16
CA VAL F 28 26.33 19.18 -9.08
C VAL F 28 26.15 20.06 -10.31
N ASP F 29 25.02 19.93 -11.00
CA ASP F 29 24.66 20.80 -12.12
C ASP F 29 23.18 21.14 -11.95
N LYS F 30 22.90 22.31 -11.34
CA LYS F 30 21.52 22.68 -11.06
C LYS F 30 20.64 22.60 -12.29
N ASP F 31 21.15 23.07 -13.43
CA ASP F 31 20.36 23.03 -14.67
C ASP F 31 19.96 21.61 -15.01
N LYS F 32 20.90 20.67 -14.96
CA LYS F 32 20.60 19.27 -15.24
C LYS F 32 19.92 18.56 -14.08
N GLY F 33 19.85 19.18 -12.90
CA GLY F 33 19.19 18.55 -11.78
C GLY F 33 19.96 17.42 -11.15
N THR F 34 21.28 17.39 -11.34
CA THR F 34 22.12 16.36 -10.76
C THR F 34 22.62 16.79 -9.38
N PHE F 35 22.75 15.83 -8.47
CA PHE F 35 23.19 16.11 -7.12
C PHE F 35 24.00 14.93 -6.60
N GLN F 36 24.70 15.15 -5.49
CA GLN F 36 25.62 14.17 -4.94
C GLN F 36 25.57 14.22 -3.42
N PHE F 37 25.77 13.05 -2.81
CA PHE F 37 25.82 12.90 -1.36
C PHE F 37 27.27 13.01 -0.88
N SER F 38 27.41 13.35 0.40
CA SER F 38 28.73 13.40 1.04
C SER F 38 29.12 12.00 1.49
N SER F 39 30.29 11.53 1.05
CA SER F 39 30.71 10.18 1.40
C SER F 39 30.77 9.99 2.91
N LYS F 40 31.23 11.01 3.63
CA LYS F 40 31.41 10.90 5.08
C LYS F 40 30.17 11.31 5.87
N HIS F 41 29.33 12.19 5.32
CA HIS F 41 28.23 12.78 6.07
C HIS F 41 26.86 12.39 5.52
N LYS F 42 26.79 11.43 4.59
CA LYS F 42 25.49 11.04 4.05
C LYS F 42 24.64 10.33 5.10
N GLU F 43 25.27 9.57 6.00
CA GLU F 43 24.50 8.85 7.02
C GLU F 43 23.67 9.81 7.87
N ALA F 44 24.18 11.01 8.11
CA ALA F 44 23.40 12.00 8.86
C ALA F 44 22.11 12.35 8.14
N LEU F 45 22.19 12.53 6.82
CA LEU F 45 20.98 12.83 6.05
C LEU F 45 20.03 11.64 6.05
N ALA F 46 20.58 10.42 5.93
CA ALA F 46 19.75 9.22 6.02
C ALA F 46 19.05 9.15 7.37
N HIS F 47 19.75 9.49 8.44
CA HIS F 47 19.15 9.49 9.77
C HIS F 47 17.92 10.39 9.82
N ARG F 48 18.05 11.62 9.31
CA ARG F 48 16.93 12.55 9.35
CA ARG F 48 16.93 12.55 9.36
C ARG F 48 15.73 12.01 8.56
N TRP F 49 16.00 11.39 7.42
CA TRP F 49 14.90 10.85 6.61
C TRP F 49 14.03 9.91 7.42
N GLY F 50 14.65 8.95 8.11
CA GLY F 50 13.89 8.04 8.95
C GLY F 50 13.08 8.78 10.00
N ILE F 51 13.63 9.87 10.53
CA ILE F 51 12.93 10.64 11.54
C ILE F 51 11.69 11.30 10.93
N GLN F 52 11.86 11.97 9.79
CA GLN F 52 10.73 12.62 9.14
C GLN F 52 9.62 11.64 8.81
N LYS F 53 9.98 10.38 8.52
CA LYS F 53 9.00 9.34 8.26
C LYS F 53 8.54 8.63 9.53
N GLY F 54 9.24 8.82 10.64
CA GLY F 54 8.88 8.13 11.87
C GLY F 54 9.02 6.63 11.78
N ASN F 55 9.99 6.14 11.02
CA ASN F 55 10.14 4.70 10.86
C ASN F 55 10.51 4.05 12.18
N ARG F 56 10.31 2.74 12.25
CA ARG F 56 10.65 2.01 13.46
C ARG F 56 12.16 1.95 13.66
N LYS F 57 12.89 1.52 12.64
CA LYS F 57 14.32 1.30 12.73
C LYS F 57 15.08 2.50 12.18
N LYS F 58 16.32 2.67 12.64
CA LYS F 58 17.14 3.78 12.18
C LYS F 58 17.47 3.64 10.71
N MET F 59 17.27 4.72 9.96
CA MET F 59 17.50 4.70 8.52
C MET F 59 18.98 4.79 8.20
N THR F 60 19.41 4.02 7.20
CA THR F 60 20.78 4.00 6.73
C THR F 60 20.82 4.48 5.27
N TYR F 61 22.02 4.84 4.81
CA TYR F 61 22.14 5.28 3.43
C TYR F 61 21.83 4.15 2.45
N GLN F 62 22.28 2.93 2.75
CA GLN F 62 22.01 1.81 1.88
C GLN F 62 20.51 1.59 1.71
N LYS F 63 19.78 1.59 2.83
CA LYS F 63 18.32 1.42 2.74
C LYS F 63 17.69 2.57 1.98
N MET F 64 18.18 3.79 2.19
CA MET F 64 17.66 4.93 1.43
C MET F 64 18.03 4.81 -0.05
N ALA F 65 19.23 4.33 -0.35
CA ALA F 65 19.62 4.12 -1.73
C ALA F 65 18.75 3.05 -2.39
N ARG F 66 18.44 1.98 -1.65
CA ARG F 66 17.53 0.96 -2.15
C ARG F 66 16.22 1.59 -2.62
N ALA F 67 15.65 2.48 -1.81
CA ALA F 67 14.42 3.17 -2.22
C ALA F 67 14.65 3.99 -3.49
N LEU F 68 15.78 4.68 -3.59
CA LEU F 68 16.04 5.52 -4.75
C LEU F 68 16.12 4.68 -6.02
N ARG F 69 16.69 3.48 -5.95
CA ARG F 69 16.82 2.65 -7.14
C ARG F 69 15.46 2.32 -7.74
N ASN F 70 14.40 2.30 -6.91
CA ASN F 70 13.07 2.02 -7.43
C ASN F 70 12.58 3.12 -8.37
N TYR F 71 13.07 4.35 -8.19
CA TYR F 71 12.70 5.44 -9.08
C TYR F 71 13.25 5.28 -10.49
N GLY F 72 14.16 4.33 -10.72
CA GLY F 72 14.72 4.14 -12.05
C GLY F 72 13.71 3.73 -13.10
N LYS F 73 12.59 3.14 -12.69
CA LYS F 73 11.57 2.68 -13.62
C LYS F 73 10.58 3.78 -13.97
N THR F 74 10.19 4.61 -13.01
CA THR F 74 9.27 5.72 -13.26
C THR F 74 9.99 6.99 -13.65
N GLY F 75 11.25 7.16 -13.26
CA GLY F 75 12.09 8.23 -13.74
C GLY F 75 12.27 9.42 -12.82
N GLU F 76 11.61 9.44 -11.65
CA GLU F 76 11.73 10.58 -10.76
C GLU F 76 13.18 10.86 -10.41
N VAL F 77 13.96 9.81 -10.17
CA VAL F 77 15.37 9.92 -9.78
C VAL F 77 16.11 8.76 -10.41
N LYS F 78 17.09 9.07 -11.25
CA LYS F 78 17.86 8.06 -11.97
C LYS F 78 19.31 8.13 -11.51
N LYS F 79 19.95 6.97 -11.41
CA LYS F 79 21.34 6.92 -10.96
C LYS F 79 22.30 7.40 -12.04
N VAL F 80 23.29 8.19 -11.63
CA VAL F 80 24.32 8.69 -12.54
C VAL F 80 25.61 7.92 -12.29
N LYS F 81 26.44 7.79 -13.33
CA LYS F 81 27.69 7.06 -13.25
C LYS F 81 28.80 7.87 -12.57
N LYS F 82 28.47 8.59 -11.51
CA LYS F 82 29.42 9.38 -10.73
C LYS F 82 29.16 9.07 -9.26
N LYS F 83 30.24 8.94 -8.49
CA LYS F 83 30.12 8.39 -7.15
C LYS F 83 29.10 9.17 -6.33
N LEU F 84 28.13 8.44 -5.77
CA LEU F 84 27.13 9.01 -4.87
C LEU F 84 26.27 10.08 -5.56
N THR F 85 26.01 9.91 -6.86
CA THR F 85 25.35 10.93 -7.66
C THR F 85 24.06 10.40 -8.27
N TYR F 86 23.03 11.25 -8.29
CA TYR F 86 21.74 10.93 -8.85
C TYR F 86 21.26 12.12 -9.67
N GLN F 87 20.05 12.01 -10.24
CA GLN F 87 19.52 13.06 -11.08
C GLN F 87 18.00 13.07 -11.00
N PHE F 88 17.43 14.24 -10.75
CA PHE F 88 15.98 14.40 -10.80
C PHE F 88 15.53 14.51 -12.26
N SER F 89 14.26 14.22 -12.47
CA SER F 89 13.66 14.34 -13.79
C SER F 89 13.10 15.74 -13.99
N GLY F 90 12.98 16.14 -15.26
CA GLY F 90 12.38 17.43 -15.57
C GLY F 90 10.99 17.60 -14.99
N GLU F 91 10.24 16.49 -14.89
CA GLU F 91 8.91 16.55 -14.27
C GLU F 91 9.01 16.97 -12.81
N VAL F 92 9.92 16.36 -12.06
CA VAL F 92 10.11 16.74 -10.66
C VAL F 92 10.65 18.16 -10.53
N LEU F 93 11.54 18.55 -11.45
CA LEU F 93 12.15 19.87 -11.38
C LEU F 93 11.20 20.97 -11.84
N GLY F 94 10.26 20.66 -12.72
CA GLY F 94 9.33 21.66 -13.22
C GLY F 94 8.43 22.21 -12.14
#